data_4PKL
#
_entry.id   4PKL
#
_cell.length_a   55.869
_cell.length_b   62.091
_cell.length_c   62.117
_cell.angle_alpha   90.00
_cell.angle_beta   90.00
_cell.angle_gamma   90.00
#
_symmetry.space_group_name_H-M   'P 21 21 21'
#
loop_
_entity.id
_entity.type
_entity.pdbx_description
1 polymer 'Bromodomain factor 2'
2 non-polymer 7-(3,5-DIMETHYL-1,2-OXAZOL-4-YL)-8-METHOXY-1-[(1R)-1-(PYRIDIN-2-YL)ETHYL]-1H,2H,3H-IMIDAZO[4,5-C]QUINOLIN-2-ONE
3 non-polymer 'PHOSPHATE ION'
4 non-polymer 'POTASSIUM ION'
5 non-polymer 'CHLORIDE ION'
6 non-polymer GLYCEROL
7 water water
#
_entity_poly.entity_id   1
_entity_poly.type   'polypeptide(L)'
_entity_poly.pdbx_seq_one_letter_code
;GPHMSFNKNGCLVFVSRLWDLDKLGMFHHPVSAEELPDYHTVIKRPVDLSSIRDGIEKGTYATDVDVQNDVARMITNALE
YNAKGSTWYQEAMSFRKTYLDLARQSGLVVDDDEAYIPS
;
_entity_poly.pdbx_strand_id   A,B
#
# COMPACT_ATOMS: atom_id res chain seq x y z
N GLY A 1 21.43 13.58 5.06
CA GLY A 1 20.04 13.48 5.42
C GLY A 1 19.61 14.57 6.39
N PRO A 2 18.30 14.85 6.45
CA PRO A 2 17.78 15.86 7.37
C PRO A 2 17.88 15.45 8.84
N HIS A 3 17.82 14.14 9.11
CA HIS A 3 17.92 13.62 10.47
C HIS A 3 16.93 14.27 11.42
N MET A 4 15.65 14.24 11.06
CA MET A 4 14.66 14.98 11.84
C MET A 4 13.41 14.16 12.18
N SER A 5 12.57 14.74 13.02
CA SER A 5 11.40 14.06 13.59
C SER A 5 10.16 14.10 12.71
N PHE A 6 10.27 14.74 11.54
CA PHE A 6 9.21 14.75 10.53
C PHE A 6 9.77 14.16 9.24
N ASN A 7 9.15 13.08 8.78
CA ASN A 7 9.61 12.38 7.60
C ASN A 7 8.45 12.21 6.66
N LYS A 8 8.34 13.18 5.75
CA LYS A 8 7.16 13.34 4.93
C LYS A 8 6.79 12.07 4.19
N ASN A 9 7.74 11.50 3.45
CA ASN A 9 7.41 10.30 2.67
C ASN A 9 7.10 9.11 3.57
N GLY A 10 7.76 9.01 4.72
CA GLY A 10 7.43 7.95 5.66
C GLY A 10 5.99 8.05 6.15
N CYS A 11 5.55 9.28 6.39
CA CYS A 11 4.17 9.50 6.80
C CYS A 11 3.20 9.14 5.68
N LEU A 12 3.56 9.49 4.44
CA LEU A 12 2.73 9.10 3.30
C LEU A 12 2.69 7.58 3.11
N VAL A 13 3.79 6.88 3.36
CA VAL A 13 3.78 5.42 3.31
C VAL A 13 2.81 4.87 4.35
N PHE A 14 2.85 5.44 5.54
CA PHE A 14 1.95 5.08 6.63
C PHE A 14 0.51 5.22 6.19
N VAL A 15 0.18 6.38 5.63
CA VAL A 15 -1.18 6.60 5.14
C VAL A 15 -1.52 5.65 3.99
N SER A 16 -0.57 5.33 3.11
CA SER A 16 -0.88 4.43 2.00
C SER A 16 -1.23 3.03 2.51
N ARG A 17 -0.58 2.58 3.58
CA ARG A 17 -0.89 1.28 4.17
C ARG A 17 -2.27 1.29 4.79
N LEU A 18 -2.57 2.33 5.56
CA LEU A 18 -3.89 2.49 6.13
C LEU A 18 -4.97 2.53 5.04
N TRP A 19 -4.70 3.26 3.96
CA TRP A 19 -5.63 3.40 2.85
C TRP A 19 -5.92 2.05 2.23
N ASP A 20 -4.86 1.31 1.94
CA ASP A 20 -4.98 0.03 1.26
C ASP A 20 -5.65 -1.03 2.15
N LEU A 21 -5.38 -0.98 3.45
CA LEU A 21 -5.95 -1.94 4.38
C LEU A 21 -7.41 -1.62 4.69
N ASP A 22 -7.82 -0.39 4.39
CA ASP A 22 -9.19 0.07 4.65
C ASP A 22 -10.12 -0.42 3.55
N LYS A 23 -10.49 -1.67 3.64
CA LYS A 23 -11.27 -2.30 2.58
C LYS A 23 -12.67 -1.71 2.43
N LEU A 24 -13.23 -1.21 3.52
CA LEU A 24 -14.53 -0.55 3.48
C LEU A 24 -14.42 0.86 2.92
N GLY A 25 -13.22 1.41 2.83
CA GLY A 25 -13.04 2.81 2.47
C GLY A 25 -13.65 3.74 3.51
N MET A 26 -13.79 3.25 4.74
CA MET A 26 -14.48 4.00 5.79
C MET A 26 -13.63 5.15 6.34
N PHE A 27 -12.33 5.13 6.04
CA PHE A 27 -11.39 6.15 6.49
C PHE A 27 -10.91 7.03 5.35
N HIS A 28 -11.35 6.76 4.13
CA HIS A 28 -10.75 7.41 2.97
C HIS A 28 -11.06 8.91 2.85
N HIS A 29 -12.27 9.33 3.22
CA HIS A 29 -12.75 10.67 2.90
C HIS A 29 -13.47 11.32 4.07
N PRO A 30 -13.52 12.66 4.08
CA PRO A 30 -14.40 13.31 5.05
C PRO A 30 -15.83 12.92 4.75
N VAL A 31 -16.65 12.88 5.80
CA VAL A 31 -18.04 12.51 5.69
C VAL A 31 -18.86 13.73 5.32
N SER A 32 -19.65 13.60 4.25
CA SER A 32 -20.54 14.65 3.81
C SER A 32 -21.77 14.68 4.71
N ALA A 33 -22.16 15.88 5.14
CA ALA A 33 -23.29 16.04 6.02
C ALA A 33 -24.58 15.69 5.32
N GLU A 34 -24.62 15.86 4.01
CA GLU A 34 -25.82 15.52 3.26
C GLU A 34 -25.97 14.01 3.16
N GLU A 35 -24.85 13.30 3.06
CA GLU A 35 -24.91 11.86 2.89
C GLU A 35 -25.17 11.13 4.23
N LEU A 36 -24.53 11.59 5.29
CA LEU A 36 -24.66 10.95 6.59
C LEU A 36 -24.83 12.00 7.68
N PRO A 37 -26.04 12.58 7.79
CA PRO A 37 -26.27 13.79 8.60
C PRO A 37 -26.00 13.66 10.12
N ASP A 38 -26.12 12.46 10.67
CA ASP A 38 -25.92 12.33 12.13
C ASP A 38 -24.45 12.31 12.52
N TYR A 39 -23.56 12.05 11.55
CA TYR A 39 -22.15 11.84 11.86
C TYR A 39 -21.54 13.03 12.60
N HIS A 40 -21.79 14.23 12.13
CA HIS A 40 -21.16 15.41 12.72
C HIS A 40 -21.71 15.78 14.10
N THR A 41 -22.83 15.17 14.47
CA THR A 41 -23.40 15.41 15.80
C THR A 41 -22.80 14.45 16.82
N VAL A 42 -22.31 13.31 16.33
CA VAL A 42 -21.64 12.33 17.18
C VAL A 42 -20.13 12.59 17.25
N ILE A 43 -19.54 12.89 16.09
CA ILE A 43 -18.11 13.09 15.97
C ILE A 43 -17.81 14.56 15.74
N LYS A 44 -17.36 15.23 16.80
CA LYS A 44 -17.14 16.67 16.72
C LYS A 44 -15.75 17.06 16.24
N ARG A 45 -14.82 16.12 16.26
CA ARG A 45 -13.46 16.38 15.79
C ARG A 45 -13.06 15.35 14.74
N PRO A 46 -13.67 15.41 13.55
CA PRO A 46 -13.45 14.39 12.53
C PRO A 46 -12.06 14.47 11.92
N VAL A 47 -11.60 13.33 11.45
CA VAL A 47 -10.37 13.26 10.68
C VAL A 47 -10.46 12.01 9.80
N ASP A 48 -9.81 12.09 8.64
CA ASP A 48 -9.84 11.02 7.64
C ASP A 48 -8.49 11.00 6.91
N LEU A 49 -8.23 9.93 6.16
CA LEU A 49 -6.93 9.76 5.53
C LEU A 49 -6.66 10.80 4.43
N SER A 50 -7.65 11.25 3.68
CA SER A 50 -7.39 12.28 2.68
C SER A 50 -6.96 13.59 3.35
N SER A 51 -7.64 13.96 4.44
CA SER A 51 -7.28 15.16 5.17
C SER A 51 -5.88 15.03 5.78
N ILE A 52 -5.54 13.85 6.30
CA ILE A 52 -4.21 13.63 6.87
C ILE A 52 -3.16 13.72 5.76
N ARG A 53 -3.41 13.10 4.61
CA ARG A 53 -2.51 13.21 3.46
C ARG A 53 -2.28 14.68 3.07
N ASP A 54 -3.37 15.45 3.00
CA ASP A 54 -3.26 16.87 2.68
C ASP A 54 -2.34 17.60 3.65
N GLY A 55 -2.52 17.30 4.94
CA GLY A 55 -1.72 17.93 5.97
C GLY A 55 -0.25 17.55 5.87
N ILE A 56 0.02 16.27 5.62
CA ILE A 56 1.40 15.81 5.48
C ILE A 56 2.10 16.53 4.34
N GLU A 57 1.45 16.57 3.17
CA GLU A 57 2.04 17.20 2.00
C GLU A 57 2.23 18.69 2.18
N LYS A 58 1.30 19.33 2.88
CA LYS A 58 1.38 20.76 3.16
C LYS A 58 2.47 21.08 4.21
N GLY A 59 2.70 20.12 5.10
CA GLY A 59 3.68 20.27 6.16
C GLY A 59 3.08 20.67 7.49
N THR A 60 1.76 20.59 7.63
CA THR A 60 1.13 21.14 8.82
C THR A 60 1.04 20.15 9.98
N TYR A 61 1.69 19.00 9.83
CA TYR A 61 2.02 18.15 10.97
C TYR A 61 3.45 18.42 11.39
N ALA A 62 3.64 18.80 12.65
CA ALA A 62 4.98 19.11 13.13
C ALA A 62 5.93 17.92 13.01
N THR A 63 5.48 16.77 13.49
CA THR A 63 6.30 15.58 13.58
C THR A 63 5.50 14.34 13.22
N ASP A 64 6.21 13.25 13.02
CA ASP A 64 5.61 11.96 12.72
C ASP A 64 4.67 11.52 13.84
N VAL A 65 4.97 11.86 15.09
CA VAL A 65 4.08 11.49 16.18
C VAL A 65 2.73 12.20 16.06
N ASP A 66 2.74 13.43 15.56
CA ASP A 66 1.49 14.13 15.34
C ASP A 66 0.61 13.42 14.32
N VAL A 67 1.23 12.86 13.29
CA VAL A 67 0.50 12.07 12.32
C VAL A 67 -0.07 10.82 12.99
N GLN A 68 0.75 10.15 13.79
CA GLN A 68 0.29 8.97 14.50
C GLN A 68 -0.88 9.29 15.42
N ASN A 69 -0.83 10.44 16.09
CA ASN A 69 -1.90 10.85 16.99
C ASN A 69 -3.21 11.09 16.24
N ASP A 70 -3.12 11.65 15.03
CA ASP A 70 -4.32 11.88 14.26
C ASP A 70 -4.90 10.56 13.76
N VAL A 71 -4.04 9.61 13.41
CA VAL A 71 -4.53 8.28 13.05
C VAL A 71 -5.21 7.60 14.24
N ALA A 72 -4.64 7.76 15.43
CA ALA A 72 -5.27 7.24 16.63
C ALA A 72 -6.66 7.86 16.83
N ARG A 73 -6.76 9.18 16.66
CA ARG A 73 -8.06 9.86 16.77
C ARG A 73 -9.05 9.36 15.70
N MET A 74 -8.55 9.16 14.49
CA MET A 74 -9.36 8.63 13.41
C MET A 74 -9.97 7.29 13.78
N ILE A 75 -9.15 6.42 14.37
CA ILE A 75 -9.60 5.10 14.76
C ILE A 75 -10.61 5.20 15.90
N THR A 76 -10.29 6.01 16.90
CA THR A 76 -11.16 6.18 18.05
C THR A 76 -12.52 6.74 17.63
N ASN A 77 -12.51 7.71 16.72
CA ASN A 77 -13.77 8.25 16.20
C ASN A 77 -14.63 7.17 15.54
N ALA A 78 -14.02 6.28 14.76
CA ALA A 78 -14.78 5.23 14.12
C ALA A 78 -15.33 4.23 15.13
N LEU A 79 -14.60 4.00 16.22
CA LEU A 79 -15.09 3.12 17.27
C LEU A 79 -16.22 3.77 18.04
N GLU A 80 -16.24 5.10 18.10
CA GLU A 80 -17.34 5.82 18.72
C GLU A 80 -18.58 5.80 17.84
N TYR A 81 -18.41 6.13 16.57
CA TYR A 81 -19.56 6.29 15.70
C TYR A 81 -20.23 4.94 15.39
N ASN A 82 -19.44 3.94 15.09
CA ASN A 82 -19.96 2.64 14.74
C ASN A 82 -20.28 1.78 15.95
N ALA A 83 -21.16 0.81 15.77
CA ALA A 83 -21.60 -0.02 16.88
C ALA A 83 -20.68 -1.21 17.05
N LYS A 84 -20.42 -1.58 18.29
CA LYS A 84 -19.59 -2.75 18.59
C LYS A 84 -20.07 -3.98 17.82
N GLY A 85 -19.16 -4.64 17.13
CA GLY A 85 -19.50 -5.82 16.37
C GLY A 85 -19.88 -5.56 14.91
N SER A 86 -20.07 -4.30 14.54
CA SER A 86 -20.41 -4.03 13.14
C SER A 86 -19.17 -4.25 12.28
N THR A 87 -19.36 -4.36 10.97
CA THR A 87 -18.23 -4.58 10.10
CA THR A 87 -18.23 -4.57 10.07
C THR A 87 -17.26 -3.39 10.16
N TRP A 88 -17.81 -2.19 10.24
CA TRP A 88 -16.99 -0.98 10.40
C TRP A 88 -16.19 -1.03 11.70
N TYR A 89 -16.85 -1.40 12.79
CA TYR A 89 -16.21 -1.45 14.09
C TYR A 89 -15.10 -2.51 14.09
N GLN A 90 -15.38 -3.67 13.48
CA GLN A 90 -14.39 -4.73 13.35
C GLN A 90 -13.14 -4.20 12.65
N GLU A 91 -13.33 -3.47 11.55
CA GLU A 91 -12.17 -2.96 10.82
C GLU A 91 -11.41 -1.95 11.68
N ALA A 92 -12.13 -1.05 12.33
CA ALA A 92 -11.50 -0.05 13.17
C ALA A 92 -10.72 -0.71 14.33
N MET A 93 -11.23 -1.79 14.89
CA MET A 93 -10.54 -2.51 15.96
CA MET A 93 -10.52 -2.45 15.98
C MET A 93 -9.24 -3.10 15.46
N SER A 94 -9.29 -3.65 14.25
CA SER A 94 -8.11 -4.22 13.62
C SER A 94 -7.04 -3.14 13.44
N PHE A 95 -7.46 -1.94 13.03
CA PHE A 95 -6.56 -0.80 12.92
C PHE A 95 -6.00 -0.40 14.28
N ARG A 96 -6.84 -0.36 15.31
CA ARG A 96 -6.39 -0.02 16.65
C ARG A 96 -5.25 -0.91 17.07
N LYS A 97 -5.37 -2.20 16.76
CA LYS A 97 -4.39 -3.18 17.19
C LYS A 97 -3.11 -3.16 16.36
N THR A 98 -3.12 -2.52 15.18
CA THR A 98 -1.99 -2.65 14.26
C THR A 98 -1.37 -1.34 13.80
N TYR A 99 -2.00 -0.19 14.08
CA TYR A 99 -1.54 1.03 13.42
C TYR A 99 -0.13 1.43 13.85
N LEU A 100 0.27 1.14 15.08
CA LEU A 100 1.64 1.49 15.48
C LEU A 100 2.67 0.62 14.74
N ASP A 101 2.36 -0.66 14.52
CA ASP A 101 3.25 -1.49 13.71
C ASP A 101 3.28 -1.01 12.27
N LEU A 102 2.17 -0.51 11.75
CA LEU A 102 2.19 0.07 10.41
C LEU A 102 3.08 1.30 10.36
N ALA A 103 3.06 2.12 11.40
CA ALA A 103 3.95 3.27 11.47
C ALA A 103 5.42 2.84 11.47
N ARG A 104 5.73 1.82 12.27
CA ARG A 104 7.10 1.30 12.29
C ARG A 104 7.51 0.73 10.92
N GLN A 105 6.59 0.02 10.28
CA GLN A 105 6.83 -0.55 8.97
C GLN A 105 7.13 0.55 7.95
N SER A 106 6.55 1.72 8.18
CA SER A 106 6.69 2.83 7.26
C SER A 106 8.01 3.59 7.44
N GLY A 107 8.68 3.36 8.57
CA GLY A 107 9.95 4.02 8.86
C GLY A 107 9.84 5.14 9.88
N LEU A 108 8.73 5.18 10.60
CA LEU A 108 8.57 6.20 11.64
C LEU A 108 8.98 5.70 13.00
N VAL A 109 9.39 6.64 13.87
CA VAL A 109 9.64 6.31 15.26
C VAL A 109 8.33 6.38 16.01
N VAL A 110 8.03 5.34 16.78
CA VAL A 110 6.78 5.30 17.53
C VAL A 110 7.00 5.62 19.00
N SER B 5 10.56 -24.50 -20.92
CA SER B 5 9.97 -23.35 -21.60
C SER B 5 9.06 -22.57 -20.66
N PHE B 6 7.92 -23.17 -20.33
CA PHE B 6 6.94 -22.55 -19.45
C PHE B 6 6.55 -23.51 -18.32
N ASN B 7 6.96 -23.16 -17.11
CA ASN B 7 6.61 -23.89 -15.90
C ASN B 7 5.47 -23.15 -15.21
N LYS B 8 4.24 -23.55 -15.49
CA LYS B 8 3.07 -22.82 -14.99
C LYS B 8 3.01 -22.73 -13.47
N ASN B 9 3.11 -23.87 -12.79
CA ASN B 9 3.07 -23.86 -11.34
C ASN B 9 4.26 -23.10 -10.75
N GLY B 10 5.42 -23.24 -11.37
CA GLY B 10 6.61 -22.51 -10.95
C GLY B 10 6.41 -21.01 -11.04
N CYS B 11 5.77 -20.55 -12.11
CA CYS B 11 5.50 -19.13 -12.26
C CYS B 11 4.51 -18.66 -11.20
N LEU B 12 3.54 -19.50 -10.85
CA LEU B 12 2.62 -19.14 -9.78
C LEU B 12 3.33 -19.10 -8.44
N VAL B 13 4.23 -20.04 -8.20
CA VAL B 13 5.04 -20.01 -6.97
C VAL B 13 5.87 -18.73 -6.88
N PHE B 14 6.47 -18.34 -8.00
CA PHE B 14 7.23 -17.11 -8.12
C PHE B 14 6.37 -15.90 -7.73
N VAL B 15 5.20 -15.78 -8.36
CA VAL B 15 4.30 -14.67 -8.05
C VAL B 15 3.88 -14.69 -6.59
N SER B 16 3.62 -15.88 -6.06
CA SER B 16 3.20 -16.07 -4.68
CA SER B 16 3.17 -16.00 -4.69
C SER B 16 4.27 -15.60 -3.70
N ARG B 17 5.51 -15.93 -4.02
CA ARG B 17 6.63 -15.53 -3.18
C ARG B 17 6.82 -14.02 -3.21
N LEU B 18 6.70 -13.45 -4.41
CA LEU B 18 6.76 -12.00 -4.56
C LEU B 18 5.64 -11.32 -3.77
N TRP B 19 4.45 -11.92 -3.79
CA TRP B 19 3.32 -11.41 -3.03
C TRP B 19 3.63 -11.33 -1.55
N ASP B 20 4.20 -12.41 -1.03
CA ASP B 20 4.57 -12.51 0.39
C ASP B 20 5.67 -11.52 0.75
N LEU B 21 6.65 -11.36 -0.13
CA LEU B 21 7.75 -10.44 0.12
C LEU B 21 7.26 -9.00 0.13
N ASP B 22 6.19 -8.75 -0.62
CA ASP B 22 5.64 -7.39 -0.74
C ASP B 22 4.75 -7.08 0.48
N LYS B 23 5.39 -6.86 1.62
CA LYS B 23 4.64 -6.58 2.84
C LYS B 23 3.98 -5.21 2.81
N LEU B 24 4.47 -4.32 1.95
CA LEU B 24 3.80 -3.02 1.79
C LEU B 24 2.50 -3.14 1.00
N GLY B 25 2.35 -4.24 0.25
CA GLY B 25 1.21 -4.40 -0.64
C GLY B 25 1.26 -3.50 -1.86
N MET B 26 2.43 -2.93 -2.17
CA MET B 26 2.54 -1.94 -3.24
C MET B 26 2.50 -2.55 -4.63
N PHE B 27 2.63 -3.87 -4.72
CA PHE B 27 2.68 -4.59 -5.99
C PHE B 27 1.44 -5.47 -6.18
N HIS B 28 0.53 -5.47 -5.20
CA HIS B 28 -0.52 -6.48 -5.21
C HIS B 28 -1.59 -6.26 -6.29
N HIS B 29 -1.94 -5.01 -6.57
CA HIS B 29 -3.01 -4.75 -7.51
CA HIS B 29 -3.08 -4.67 -7.43
C HIS B 29 -2.77 -3.45 -8.28
N PRO B 30 -3.56 -3.22 -9.35
CA PRO B 30 -3.38 -1.94 -10.07
C PRO B 30 -3.72 -0.72 -9.19
N VAL B 31 -3.20 0.45 -9.56
CA VAL B 31 -3.46 1.67 -8.80
C VAL B 31 -4.45 2.56 -9.56
N SER B 32 -5.35 3.22 -8.84
CA SER B 32 -6.36 4.06 -9.48
C SER B 32 -5.88 5.49 -9.68
N ALA B 33 -6.47 6.17 -10.65
CA ALA B 33 -6.10 7.54 -10.97
C ALA B 33 -6.80 8.53 -10.05
N GLU B 34 -7.56 8.03 -9.09
CA GLU B 34 -8.21 8.88 -8.10
C GLU B 34 -7.53 8.71 -6.75
N GLU B 35 -6.89 7.56 -6.57
CA GLU B 35 -6.06 7.30 -5.40
C GLU B 35 -4.72 7.98 -5.55
N LEU B 36 -4.07 7.72 -6.68
CA LEU B 36 -2.74 8.24 -6.96
C LEU B 36 -2.77 8.84 -8.36
N PRO B 37 -3.36 10.03 -8.47
CA PRO B 37 -3.65 10.62 -9.79
C PRO B 37 -2.41 10.75 -10.67
N ASP B 38 -1.27 11.12 -10.12
CA ASP B 38 -0.10 11.39 -10.95
C ASP B 38 0.55 10.13 -11.51
N TYR B 39 0.20 8.96 -10.95
CA TYR B 39 0.91 7.72 -11.30
C TYR B 39 0.89 7.39 -12.80
N HIS B 40 -0.28 7.39 -13.42
CA HIS B 40 -0.30 6.99 -14.83
C HIS B 40 0.24 8.08 -15.75
N THR B 41 0.51 9.27 -15.21
CA THR B 41 1.16 10.33 -16.00
C THR B 41 2.68 10.13 -16.04
N VAL B 42 3.17 9.23 -15.19
CA VAL B 42 4.59 8.90 -15.11
C VAL B 42 4.88 7.53 -15.73
N ILE B 43 4.04 6.55 -15.39
CA ILE B 43 4.26 5.16 -15.78
C ILE B 43 3.37 4.77 -16.95
N LYS B 44 3.99 4.40 -18.07
CA LYS B 44 3.28 4.15 -19.32
C LYS B 44 2.69 2.75 -19.41
N ARG B 45 3.36 1.77 -18.83
CA ARG B 45 2.94 0.37 -18.93
C ARG B 45 2.89 -0.29 -17.56
N PRO B 46 1.79 -0.05 -16.82
CA PRO B 46 1.70 -0.59 -15.45
C PRO B 46 1.55 -2.10 -15.46
N VAL B 47 2.03 -2.73 -14.39
CA VAL B 47 1.81 -4.15 -14.19
C VAL B 47 1.86 -4.43 -12.68
N ASP B 48 1.14 -5.46 -12.26
CA ASP B 48 1.02 -5.79 -10.85
C ASP B 48 0.91 -7.29 -10.70
N LEU B 49 1.08 -7.78 -9.49
CA LEU B 49 1.07 -9.24 -9.28
C LEU B 49 -0.26 -9.90 -9.54
N SER B 50 -1.37 -9.22 -9.27
CA SER B 50 -2.67 -9.82 -9.54
C SER B 50 -2.85 -10.03 -11.05
N SER B 51 -2.43 -9.06 -11.84
CA SER B 51 -2.54 -9.16 -13.29
C SER B 51 -1.61 -10.23 -13.84
N ILE B 52 -0.42 -10.34 -13.26
CA ILE B 52 0.49 -11.38 -13.71
C ILE B 52 -0.08 -12.76 -13.36
N ARG B 53 -0.56 -12.93 -12.13
CA ARG B 53 -1.20 -14.18 -11.73
C ARG B 53 -2.33 -14.56 -12.68
N ASP B 54 -3.20 -13.60 -12.98
CA ASP B 54 -4.33 -13.86 -13.86
C ASP B 54 -3.87 -14.22 -15.27
N GLY B 55 -2.78 -13.60 -15.71
CA GLY B 55 -2.21 -13.91 -17.01
C GLY B 55 -1.68 -15.33 -17.09
N ILE B 56 -0.98 -15.75 -16.04
CA ILE B 56 -0.49 -17.13 -15.95
C ILE B 56 -1.65 -18.11 -16.00
N GLU B 57 -2.69 -17.83 -15.23
CA GLU B 57 -3.84 -18.73 -15.16
C GLU B 57 -4.60 -18.79 -16.50
N LYS B 58 -4.61 -17.67 -17.23
CA LYS B 58 -5.35 -17.61 -18.49
C LYS B 58 -4.54 -18.15 -19.67
N GLY B 59 -3.24 -18.31 -19.48
CA GLY B 59 -2.37 -18.84 -20.52
C GLY B 59 -1.79 -17.78 -21.44
N THR B 60 -1.70 -16.55 -20.96
CA THR B 60 -1.24 -15.43 -21.78
C THR B 60 0.28 -15.30 -21.84
N TYR B 61 0.98 -16.10 -21.05
CA TYR B 61 2.44 -16.08 -21.05
C TYR B 61 2.99 -17.29 -21.78
N ALA B 62 3.88 -17.04 -22.75
CA ALA B 62 4.44 -18.11 -23.56
C ALA B 62 5.55 -18.87 -22.83
N THR B 63 6.43 -18.12 -22.16
CA THR B 63 7.60 -18.71 -21.51
C THR B 63 7.80 -18.14 -20.12
N ASP B 64 8.61 -18.81 -19.32
CA ASP B 64 9.02 -18.29 -18.02
C ASP B 64 9.65 -16.91 -18.14
N VAL B 65 10.41 -16.69 -19.20
CA VAL B 65 11.13 -15.42 -19.37
C VAL B 65 10.13 -14.27 -19.53
N ASP B 66 9.00 -14.54 -20.18
CA ASP B 66 7.97 -13.50 -20.32
C ASP B 66 7.41 -13.07 -18.96
N VAL B 67 7.25 -14.03 -18.06
CA VAL B 67 6.79 -13.72 -16.72
C VAL B 67 7.88 -12.93 -15.98
N GLN B 68 9.12 -13.38 -16.12
CA GLN B 68 10.26 -12.67 -15.54
C GLN B 68 10.33 -11.22 -16.03
N ASN B 69 10.09 -11.01 -17.32
CA ASN B 69 10.14 -9.66 -17.90
C ASN B 69 9.06 -8.75 -17.34
N ASP B 70 7.85 -9.27 -17.13
CA ASP B 70 6.80 -8.46 -16.55
C ASP B 70 7.11 -8.11 -15.10
N VAL B 71 7.69 -9.05 -14.36
CA VAL B 71 8.09 -8.77 -13.00
C VAL B 71 9.20 -7.71 -12.98
N ALA B 72 10.15 -7.82 -13.91
CA ALA B 72 11.21 -6.81 -13.99
C ALA B 72 10.62 -5.43 -14.26
N ARG B 73 9.65 -5.36 -15.17
CA ARG B 73 9.04 -4.07 -15.48
C ARG B 73 8.23 -3.56 -14.28
N MET B 74 7.52 -4.45 -13.59
CA MET B 74 6.79 -4.09 -12.39
C MET B 74 7.71 -3.40 -11.38
N ILE B 75 8.87 -3.98 -11.18
CA ILE B 75 9.84 -3.48 -10.22
C ILE B 75 10.39 -2.14 -10.70
N THR B 76 10.78 -2.06 -11.96
CA THR B 76 11.34 -0.83 -12.50
C THR B 76 10.32 0.32 -12.46
N ASN B 77 9.05 0.04 -12.77
CA ASN B 77 8.00 1.05 -12.68
C ASN B 77 7.97 1.67 -11.29
N ALA B 78 8.03 0.82 -10.27
CA ALA B 78 7.98 1.30 -8.89
C ALA B 78 9.21 2.15 -8.55
N LEU B 79 10.38 1.76 -9.04
CA LEU B 79 11.60 2.52 -8.79
C LEU B 79 11.62 3.85 -9.55
N GLU B 80 11.07 3.85 -10.76
CA GLU B 80 10.99 5.07 -11.55
C GLU B 80 9.99 6.04 -10.90
N TYR B 81 8.85 5.53 -10.49
CA TYR B 81 7.82 6.42 -9.96
C TYR B 81 8.18 6.97 -8.57
N ASN B 82 8.63 6.10 -7.69
CA ASN B 82 8.79 6.47 -6.30
C ASN B 82 10.02 7.31 -6.02
N ALA B 83 9.93 8.15 -5.01
CA ALA B 83 11.03 9.01 -4.58
C ALA B 83 12.17 8.17 -4.05
N LYS B 84 13.40 8.53 -4.40
CA LYS B 84 14.55 7.88 -3.80
C LYS B 84 14.47 8.00 -2.28
N GLY B 85 14.84 6.91 -1.60
CA GLY B 85 14.82 6.91 -0.15
C GLY B 85 13.46 6.59 0.47
N SER B 86 12.38 6.61 -0.32
CA SER B 86 11.08 6.32 0.23
C SER B 86 10.97 4.84 0.54
N THR B 87 10.05 4.49 1.44
CA THR B 87 9.93 3.09 1.84
C THR B 87 9.47 2.25 0.65
N TRP B 88 8.62 2.82 -0.21
CA TRP B 88 8.22 2.11 -1.42
C TRP B 88 9.42 1.80 -2.30
N TYR B 89 10.25 2.81 -2.50
CA TYR B 89 11.45 2.65 -3.31
C TYR B 89 12.35 1.58 -2.70
N GLN B 90 12.46 1.62 -1.37
CA GLN B 90 13.31 0.69 -0.65
C GLN B 90 12.88 -0.78 -0.85
N GLU B 91 11.59 -1.07 -0.72
CA GLU B 91 11.13 -2.43 -0.97
C GLU B 91 11.34 -2.81 -2.43
N ALA B 92 11.05 -1.90 -3.35
CA ALA B 92 11.20 -2.20 -4.76
C ALA B 92 12.67 -2.50 -5.09
N MET B 93 13.59 -1.81 -4.42
CA MET B 93 15.00 -2.06 -4.64
C MET B 93 15.41 -3.43 -4.09
N SER B 94 14.85 -3.85 -2.96
CA SER B 94 15.09 -5.20 -2.47
CA SER B 94 15.08 -5.21 -2.49
C SER B 94 14.61 -6.23 -3.51
N PHE B 95 13.44 -5.97 -4.11
CA PHE B 95 12.94 -6.83 -5.18
C PHE B 95 13.91 -6.85 -6.37
N ARG B 96 14.39 -5.68 -6.78
CA ARG B 96 15.32 -5.56 -7.89
C ARG B 96 16.54 -6.45 -7.67
N LYS B 97 17.03 -6.50 -6.42
CA LYS B 97 18.23 -7.25 -6.09
C LYS B 97 18.02 -8.76 -5.94
N THR B 98 16.78 -9.19 -5.76
CA THR B 98 16.50 -10.59 -5.44
C THR B 98 15.59 -11.36 -6.40
N TYR B 99 14.87 -10.68 -7.29
CA TYR B 99 13.80 -11.37 -8.01
C TYR B 99 14.33 -12.47 -8.94
N LEU B 100 15.54 -12.31 -9.49
CA LEU B 100 16.07 -13.33 -10.39
C LEU B 100 16.39 -14.60 -9.62
N ASP B 101 16.96 -14.45 -8.43
CA ASP B 101 17.23 -15.60 -7.59
C ASP B 101 15.93 -16.29 -7.15
N LEU B 102 14.92 -15.50 -6.82
CA LEU B 102 13.61 -16.04 -6.46
C LEU B 102 12.99 -16.82 -7.62
N ALA B 103 13.18 -16.31 -8.83
CA ALA B 103 12.70 -17.01 -10.01
C ALA B 103 13.39 -18.37 -10.15
N ARG B 104 14.71 -18.39 -9.95
CA ARG B 104 15.47 -19.63 -9.98
C ARG B 104 14.96 -20.61 -8.92
N GLN B 105 14.80 -20.13 -7.70
CA GLN B 105 14.33 -20.97 -6.60
C GLN B 105 12.93 -21.52 -6.88
N SER B 106 12.16 -20.79 -7.68
CA SER B 106 10.78 -21.17 -7.98
C SER B 106 10.69 -22.13 -9.17
N GLY B 107 11.83 -22.48 -9.75
CA GLY B 107 11.87 -23.44 -10.84
C GLY B 107 11.71 -22.86 -12.23
N LEU B 108 11.89 -21.55 -12.38
CA LEU B 108 11.79 -20.92 -13.69
C LEU B 108 13.08 -21.07 -14.49
N VAL B 109 12.91 -21.16 -15.81
CA VAL B 109 14.05 -21.08 -16.72
C VAL B 109 14.41 -19.61 -16.91
N VAL B 110 15.39 -19.16 -16.15
CA VAL B 110 15.74 -17.75 -16.06
C VAL B 110 16.68 -17.30 -17.18
N ASP B 111 16.50 -16.06 -17.64
CA ASP B 111 17.45 -15.41 -18.55
C ASP B 111 18.46 -14.65 -17.68
N ASP B 112 19.70 -15.12 -17.67
CA ASP B 112 20.75 -14.52 -16.86
C ASP B 112 21.55 -13.49 -17.64
#